data_5VYR
#
_entry.id   5VYR
#
_cell.length_a   65.875
_cell.length_b   65.875
_cell.length_c   233.140
_cell.angle_alpha   90.00
_cell.angle_beta   90.00
_cell.angle_gamma   90.00
#
_symmetry.space_group_name_H-M   'P 43 21 2'
#
loop_
_entity.id
_entity.type
_entity.pdbx_description
1 polymer 'Gdp-mannose 4,6-dehydratase / gdp-4-amino-4,6-dideoxy-d-mannose formyltransferase'
2 non-polymer (6R)-2-amino-6-methyl-5,6,7,8-tetrahydropteridin-4(3H)-one
3 non-polymer 1,2-ETHANEDIOL
4 non-polymer 'CHLORIDE ION'
5 non-polymer GUANOSINE
6 water water
#
_entity_poly.entity_id   1
_entity_poly.type   'polypeptide(L)'
_entity_poly.pdbx_seq_one_letter_code
;GHMAIAPNTRVLVAGYGLPAEFCVTTLIGMGVEIDKIAVATHREDNRNCGLHSMLRLRNIQFTTAAANSEEFYEFGANFA
PDMIISMHYRSLIPGRFLKLAKKGSVNLHPSLLPAYRGTNSVAWVIINGESETGFSYHRMDENFDTGAILLQERISVEET
DTAFSLFHRQIARAMLRLEEVILKLDQGDPGFAQLGEASYYARELPFGGVIDPRWSEVQIDRFIRAMFFPPFPPAVLKID
GKVYYVPSIDIYRSLMRGIPS
;
_entity_poly.pdbx_strand_id   A,B
#
loop_
_chem_comp.id
_chem_comp.type
_chem_comp.name
_chem_comp.formula
B62 non-polymer (6R)-2-amino-6-methyl-5,6,7,8-tetrahydropteridin-4(3H)-one 'C7 H11 N5 O'
CL non-polymer 'CHLORIDE ION' 'Cl -1'
EDO non-polymer 1,2-ETHANEDIOL 'C2 H6 O2'
GMP non-polymer GUANOSINE 'C10 H13 N5 O5'
#
# COMPACT_ATOMS: atom_id res chain seq x y z
N ALA A 4 0.25 0.05 -21.39
CA ALA A 4 1.26 0.97 -20.73
C ALA A 4 0.82 2.43 -20.83
N ILE A 5 1.19 3.21 -19.82
CA ILE A 5 0.84 4.62 -19.79
C ILE A 5 1.70 5.39 -20.82
N ALA A 6 1.12 6.40 -21.46
CA ALA A 6 1.84 7.17 -22.45
C ALA A 6 3.17 7.67 -21.89
N PRO A 7 4.25 7.55 -22.69
CA PRO A 7 5.55 8.03 -22.18
C PRO A 7 5.53 9.52 -21.82
N ASN A 8 6.37 9.92 -20.88
CA ASN A 8 6.43 11.32 -20.46
C ASN A 8 5.11 11.90 -19.95
N THR A 9 4.16 11.06 -19.57
CA THR A 9 2.95 11.53 -18.90
C THR A 9 3.34 12.10 -17.55
N ARG A 10 2.76 13.24 -17.20
CA ARG A 10 3.10 13.92 -15.98
C ARG A 10 1.90 13.79 -15.06
N VAL A 11 2.15 13.24 -13.88
CA VAL A 11 1.07 12.91 -12.95
C VAL A 11 1.24 13.66 -11.66
N LEU A 12 0.21 14.41 -11.25
CA LEU A 12 0.23 15.09 -9.97
C LEU A 12 -0.71 14.30 -9.08
N VAL A 13 -0.18 13.82 -7.97
CA VAL A 13 -0.99 13.13 -6.97
C VAL A 13 -1.28 14.10 -5.85
N ALA A 14 -2.56 14.35 -5.62
CA ALA A 14 -2.98 15.13 -4.49
C ALA A 14 -3.48 14.10 -3.51
N GLY A 15 -2.80 13.92 -2.40
CA GLY A 15 -3.27 12.85 -1.55
C GLY A 15 -2.65 12.87 -0.20
N TYR A 16 -2.94 11.82 0.54
CA TYR A 16 -2.60 11.77 1.95
C TYR A 16 -2.57 10.31 2.35
N GLY A 17 -1.54 9.99 3.12
CA GLY A 17 -1.38 8.69 3.69
C GLY A 17 -1.16 7.56 2.72
N LEU A 18 -1.49 6.35 3.18
CA LEU A 18 -1.13 5.16 2.45
C LEU A 18 -1.69 5.13 1.04
N PRO A 19 -2.93 5.61 0.84
CA PRO A 19 -3.40 5.54 -0.55
C PRO A 19 -2.54 6.37 -1.50
N ALA A 20 -1.99 7.47 -1.00
CA ALA A 20 -1.09 8.29 -1.81
C ALA A 20 0.25 7.61 -2.01
N GLU A 21 0.77 7.03 -0.95
CA GLU A 21 2.03 6.31 -1.07
C GLU A 21 1.91 5.16 -2.05
N PHE A 22 0.80 4.44 -1.97
CA PHE A 22 0.55 3.33 -2.86
C PHE A 22 0.37 3.81 -4.28
N CYS A 23 -0.26 4.98 -4.44
CA CYS A 23 -0.37 5.57 -5.77
C CYS A 23 0.98 5.91 -6.37
N VAL A 24 1.84 6.53 -5.60
CA VAL A 24 3.16 6.86 -6.12
C VAL A 24 3.95 5.59 -6.47
N THR A 25 3.87 4.59 -5.60
CA THR A 25 4.47 3.32 -5.86
C THR A 25 3.95 2.73 -7.19
N THR A 26 2.64 2.79 -7.39
CA THR A 26 2.01 2.24 -8.57
C THR A 26 2.54 2.99 -9.82
N LEU A 27 2.61 4.32 -9.71
CA LEU A 27 3.12 5.14 -10.82
C LEU A 27 4.55 4.80 -11.20
N ILE A 28 5.39 4.69 -10.18
CA ILE A 28 6.80 4.35 -10.38
C ILE A 28 6.89 2.99 -11.07
N GLY A 29 6.06 2.05 -10.62
CA GLY A 29 6.02 0.72 -11.24
C GLY A 29 5.54 0.73 -12.68
N MET A 30 4.72 1.72 -13.02
CA MET A 30 4.16 1.85 -14.33
C MET A 30 5.18 2.56 -15.21
N GLY A 31 6.31 2.95 -14.66
CA GLY A 31 7.36 3.58 -15.45
C GLY A 31 7.31 5.09 -15.49
N VAL A 32 6.52 5.72 -14.62
CA VAL A 32 6.47 7.17 -14.55
C VAL A 32 7.71 7.65 -13.81
N GLU A 33 8.53 8.48 -14.44
CA GLU A 33 9.78 8.89 -13.78
C GLU A 33 9.51 9.91 -12.73
N ILE A 34 10.38 9.96 -11.73
CA ILE A 34 10.24 10.88 -10.59
CA ILE A 34 10.22 10.87 -10.59
C ILE A 34 10.00 12.31 -11.02
N ASP A 35 10.74 12.79 -12.02
CA ASP A 35 10.48 14.19 -12.43
C ASP A 35 9.16 14.38 -13.13
N LYS A 36 8.45 13.30 -13.45
CA LYS A 36 7.11 13.40 -13.97
C LYS A 36 6.05 13.02 -12.94
N ILE A 37 6.41 13.03 -11.66
CA ILE A 37 5.46 12.89 -10.56
C ILE A 37 5.59 14.11 -9.68
N ALA A 38 4.47 14.64 -9.22
CA ALA A 38 4.51 15.70 -8.23
C ALA A 38 3.42 15.34 -7.26
N VAL A 39 3.63 15.71 -6.01
CA VAL A 39 2.64 15.40 -4.98
C VAL A 39 2.19 16.64 -4.22
N ALA A 40 0.88 16.81 -4.11
CA ALA A 40 0.35 17.80 -3.21
C ALA A 40 -0.28 17.00 -2.07
N THR A 41 0.13 17.35 -0.87
CA THR A 41 -0.38 16.70 0.29
C THR A 41 -0.57 17.67 1.43
N HIS A 42 -0.83 17.10 2.59
CA HIS A 42 -0.95 17.88 3.80
C HIS A 42 0.28 17.66 4.63
N ARG A 43 0.33 18.30 5.78
CA ARG A 43 1.54 18.28 6.58
C ARG A 43 1.87 16.86 6.96
N GLU A 44 3.12 16.65 7.31
CA GLU A 44 3.50 15.39 7.84
C GLU A 44 2.72 15.18 9.15
N ASP A 45 2.14 14.02 9.29
CA ASP A 45 1.47 13.71 10.51
C ASP A 45 1.48 12.21 10.74
N ASN A 46 0.69 11.79 11.70
CA ASN A 46 0.59 10.28 12.07
CA ASN A 46 0.72 10.27 12.03
C ASN A 46 -0.07 9.29 11.05
N ARG A 47 -0.63 9.94 10.05
CA ARG A 47 -1.23 9.23 8.93
C ARG A 47 -0.67 9.73 7.61
N ASN A 48 0.45 10.45 7.66
CA ASN A 48 0.99 10.95 6.42
C ASN A 48 2.51 10.91 6.35
N CYS A 49 3.10 10.31 7.35
CA CYS A 49 4.54 10.27 7.46
CA CYS A 49 4.56 10.34 7.39
C CYS A 49 5.15 9.27 6.48
N GLY A 50 4.41 8.20 6.18
CA GLY A 50 4.85 7.25 5.17
C GLY A 50 5.00 7.95 3.82
N LEU A 51 3.99 8.72 3.44
CA LEU A 51 4.09 9.50 2.21
C LEU A 51 5.23 10.51 2.27
N HIS A 52 5.29 11.30 3.33
CA HIS A 52 6.36 12.28 3.39
C HIS A 52 7.72 11.64 3.33
N SER A 53 7.89 10.51 3.97
CA SER A 53 9.20 9.86 4.00
CA SER A 53 9.20 9.88 4.01
C SER A 53 9.56 9.43 2.59
N MET A 54 8.59 8.92 1.85
CA MET A 54 8.85 8.50 0.48
C MET A 54 9.23 9.70 -0.37
N LEU A 55 8.52 10.80 -0.20
CA LEU A 55 8.75 11.98 -1.01
C LEU A 55 10.16 12.49 -0.75
N ARG A 56 10.54 12.54 0.51
CA ARG A 56 11.88 13.00 0.87
C ARG A 56 12.92 12.03 0.33
N LEU A 57 12.71 10.74 0.54
CA LEU A 57 13.73 9.77 0.18
C LEU A 57 13.98 9.75 -1.31
N ARG A 58 12.91 9.83 -2.09
CA ARG A 58 13.01 9.73 -3.53
C ARG A 58 13.14 11.09 -4.20
N ASN A 59 13.21 12.18 -3.41
CA ASN A 59 13.33 13.49 -3.99
CA ASN A 59 13.25 13.56 -3.90
C ASN A 59 12.20 13.82 -4.98
N ILE A 60 10.95 13.51 -4.60
CA ILE A 60 9.81 13.77 -5.42
C ILE A 60 9.31 15.12 -4.94
N GLN A 61 9.02 15.99 -5.90
CA GLN A 61 8.69 17.35 -5.57
C GLN A 61 7.32 17.30 -4.97
N PHE A 62 7.12 18.11 -3.94
CA PHE A 62 5.81 18.14 -3.32
C PHE A 62 5.51 19.50 -2.74
N THR A 63 4.24 19.70 -2.43
CA THR A 63 3.81 20.86 -1.66
C THR A 63 2.89 20.42 -0.55
N THR A 64 2.91 21.16 0.56
CA THR A 64 1.85 20.97 1.57
C THR A 64 0.99 22.23 1.67
N ALA A 65 1.14 23.11 0.69
CA ALA A 65 0.32 24.32 0.65
C ALA A 65 -1.17 24.02 0.65
N ALA A 66 -1.98 24.90 1.24
CA ALA A 66 -3.40 24.68 1.29
C ALA A 66 -3.95 24.69 -0.12
N ALA A 67 -4.95 23.86 -0.32
CA ALA A 67 -5.56 23.69 -1.63
C ALA A 67 -6.06 25.02 -2.19
N ASN A 68 -6.45 25.95 -1.33
CA ASN A 68 -7.04 27.21 -1.82
C ASN A 68 -5.99 28.29 -1.98
N SER A 69 -4.73 27.94 -1.79
CA SER A 69 -3.63 28.92 -1.84
C SER A 69 -2.99 29.13 -3.20
N GLU A 70 -2.38 30.29 -3.36
CA GLU A 70 -1.62 30.54 -4.55
C GLU A 70 -0.41 29.62 -4.70
N GLU A 71 0.23 29.27 -3.57
CA GLU A 71 1.35 28.38 -3.59
C GLU A 71 0.96 27.00 -4.18
N PHE A 72 -0.21 26.52 -3.79
CA PHE A 72 -0.70 25.21 -4.27
C PHE A 72 -0.93 25.32 -5.75
N TYR A 73 -1.55 26.43 -6.16
CA TYR A 73 -1.84 26.61 -7.57
C TYR A 73 -0.56 26.69 -8.37
N GLU A 74 0.38 27.48 -7.88
CA GLU A 74 1.64 27.65 -8.58
C GLU A 74 2.42 26.34 -8.64
N PHE A 75 2.36 25.56 -7.56
CA PHE A 75 2.97 24.21 -7.62
C PHE A 75 2.41 23.39 -8.80
N GLY A 76 1.10 23.35 -8.96
CA GLY A 76 0.49 22.58 -10.06
C GLY A 76 0.83 23.19 -11.41
N ALA A 77 0.73 24.52 -11.48
CA ALA A 77 0.95 25.20 -12.76
C ALA A 77 2.38 24.98 -13.23
N ASN A 78 3.33 25.12 -12.32
CA ASN A 78 4.74 24.86 -12.61
CA ASN A 78 4.70 24.89 -12.67
C ASN A 78 4.97 23.47 -13.13
N PHE A 79 4.28 22.50 -12.54
CA PHE A 79 4.53 21.11 -12.85
C PHE A 79 3.91 20.71 -14.18
N ALA A 80 2.77 21.30 -14.48
CA ALA A 80 2.01 21.11 -15.69
C ALA A 80 1.57 19.67 -15.82
N PRO A 81 0.68 19.26 -14.93
CA PRO A 81 0.28 17.84 -14.98
C PRO A 81 -0.53 17.53 -16.24
N ASP A 82 -0.38 16.32 -16.73
CA ASP A 82 -1.37 15.78 -17.66
C ASP A 82 -2.60 15.33 -16.91
N MET A 83 -2.39 14.76 -15.73
CA MET A 83 -3.50 14.21 -14.98
C MET A 83 -3.20 14.42 -13.51
N ILE A 84 -4.31 14.54 -12.78
CA ILE A 84 -4.33 14.66 -11.36
C ILE A 84 -5.05 13.48 -10.73
N ILE A 85 -4.44 12.88 -9.71
CA ILE A 85 -5.05 11.76 -9.05
C ILE A 85 -5.19 12.16 -7.61
N SER A 86 -6.43 12.18 -7.09
CA SER A 86 -6.65 12.53 -5.70
C SER A 86 -6.85 11.24 -4.89
N MET A 87 -6.00 11.03 -3.89
CA MET A 87 -5.97 9.81 -3.12
C MET A 87 -6.05 10.24 -1.67
N HIS A 88 -7.28 10.37 -1.19
CA HIS A 88 -7.61 10.81 0.16
C HIS A 88 -7.15 12.24 0.51
N TYR A 89 -7.02 13.05 -0.52
CA TYR A 89 -6.72 14.45 -0.34
C TYR A 89 -7.92 15.06 0.38
N ARG A 90 -7.68 15.88 1.37
CA ARG A 90 -8.91 16.15 2.16
C ARG A 90 -9.73 17.27 1.45
N SER A 91 -9.01 18.21 0.90
CA SER A 91 -9.57 19.51 0.61
C SER A 91 -10.21 19.58 -0.76
N LEU A 92 -11.15 20.51 -0.93
CA LEU A 92 -11.66 20.84 -2.25
C LEU A 92 -10.52 21.36 -3.13
N ILE A 93 -10.28 20.71 -4.26
CA ILE A 93 -9.29 21.17 -5.21
C ILE A 93 -9.95 22.21 -6.09
N PRO A 94 -9.40 23.43 -6.15
CA PRO A 94 -10.09 24.42 -6.94
C PRO A 94 -10.22 24.05 -8.43
N GLY A 95 -11.31 24.49 -9.06
CA GLY A 95 -11.52 24.26 -10.47
C GLY A 95 -10.33 24.70 -11.32
N ARG A 96 -9.71 25.82 -10.95
CA ARG A 96 -8.64 26.35 -11.82
C ARG A 96 -7.43 25.45 -11.73
N PHE A 97 -7.27 24.76 -10.62
CA PHE A 97 -6.22 23.76 -10.51
C PHE A 97 -6.54 22.51 -11.33
N LEU A 98 -7.74 21.97 -11.21
CA LEU A 98 -8.12 20.83 -12.05
C LEU A 98 -7.93 21.11 -13.56
N LYS A 99 -8.25 22.32 -13.94
CA LYS A 99 -8.18 22.79 -15.31
C LYS A 99 -6.76 22.65 -15.85
N LEU A 100 -5.75 22.66 -14.98
CA LEU A 100 -4.36 22.50 -15.42
C LEU A 100 -4.08 21.20 -16.14
N ALA A 101 -4.82 20.15 -15.81
CA ALA A 101 -4.52 18.81 -16.31
C ALA A 101 -5.42 18.54 -17.51
N LYS A 102 -4.83 18.47 -18.70
CA LYS A 102 -5.63 18.33 -19.92
C LYS A 102 -6.35 16.99 -19.97
N LYS A 103 -5.84 16.00 -19.25
CA LYS A 103 -6.45 14.67 -19.24
C LYS A 103 -7.39 14.51 -18.03
N GLY A 104 -7.47 15.58 -17.25
CA GLY A 104 -8.44 15.66 -16.17
C GLY A 104 -7.91 14.93 -14.95
N SER A 105 -8.84 14.42 -14.15
CA SER A 105 -8.49 13.96 -12.83
C SER A 105 -9.34 12.78 -12.44
N VAL A 106 -8.93 12.13 -11.36
CA VAL A 106 -9.78 11.17 -10.72
C VAL A 106 -9.56 11.26 -9.23
N ASN A 107 -10.58 10.87 -8.48
CA ASN A 107 -10.53 10.90 -7.01
C ASN A 107 -11.14 9.62 -6.52
N LEU A 108 -10.64 9.10 -5.40
CA LEU A 108 -11.21 7.90 -4.80
C LEU A 108 -12.13 8.25 -3.62
N HIS A 109 -13.38 7.86 -3.74
CA HIS A 109 -14.34 8.14 -2.73
C HIS A 109 -14.88 6.80 -2.29
N PRO A 110 -14.88 6.54 -0.98
CA PRO A 110 -15.32 5.25 -0.42
C PRO A 110 -16.83 5.11 -0.25
N SER A 111 -17.53 5.30 -1.35
CA SER A 111 -18.91 4.91 -1.48
C SER A 111 -19.25 4.66 -2.94
N LEU A 112 -20.45 4.12 -3.14
CA LEU A 112 -21.05 4.02 -4.45
C LEU A 112 -21.81 5.30 -4.73
N LEU A 113 -21.07 6.31 -5.19
CA LEU A 113 -21.63 7.61 -5.54
C LEU A 113 -22.75 7.45 -6.55
N PRO A 114 -23.84 8.19 -6.42
CA PRO A 114 -23.96 9.39 -5.57
C PRO A 114 -24.45 9.11 -4.17
N ALA A 115 -24.58 7.85 -3.76
CA ALA A 115 -24.89 7.59 -2.35
C ALA A 115 -23.67 7.94 -1.48
N TYR A 116 -23.92 8.40 -0.26
CA TYR A 116 -22.86 8.63 0.73
C TYR A 116 -21.82 9.60 0.21
N ARG A 117 -22.31 10.67 -0.42
CA ARG A 117 -21.49 11.85 -0.52
C ARG A 117 -21.08 12.30 0.86
N GLY A 118 -20.00 13.07 0.91
CA GLY A 118 -19.57 13.66 2.15
C GLY A 118 -18.44 12.87 2.78
N THR A 119 -18.42 12.90 4.11
CA THR A 119 -17.33 12.36 4.86
C THR A 119 -17.89 11.30 5.80
N ASN A 120 -16.96 10.54 6.36
CA ASN A 120 -17.30 9.50 7.30
C ASN A 120 -18.28 8.50 6.71
N SER A 121 -18.17 8.30 5.40
CA SER A 121 -19.06 7.42 4.70
C SER A 121 -19.11 6.03 5.29
N VAL A 122 -17.95 5.50 5.65
CA VAL A 122 -17.96 4.13 6.18
C VAL A 122 -18.77 3.94 7.47
N ALA A 123 -18.74 4.95 8.34
CA ALA A 123 -19.47 4.87 9.60
C ALA A 123 -20.97 4.95 9.38
N TRP A 124 -21.38 5.81 8.47
CA TRP A 124 -22.80 6.01 8.19
C TRP A 124 -23.33 4.79 7.44
N VAL A 125 -22.50 4.20 6.56
CA VAL A 125 -22.89 2.97 5.90
C VAL A 125 -23.23 1.87 6.92
N ILE A 126 -22.43 1.74 7.95
CA ILE A 126 -22.69 0.78 8.99
C ILE A 126 -23.90 1.22 9.82
N ILE A 127 -23.92 2.47 10.30
CA ILE A 127 -25.07 2.94 11.11
C ILE A 127 -26.38 2.69 10.40
N ASN A 128 -26.43 3.07 9.13
CA ASN A 128 -27.65 2.96 8.34
C ASN A 128 -28.02 1.56 7.93
N GLY A 129 -27.22 0.56 8.29
CA GLY A 129 -27.61 -0.81 8.07
C GLY A 129 -27.44 -1.27 6.64
N GLU A 130 -26.61 -0.58 5.87
CA GLU A 130 -26.35 -1.04 4.50
C GLU A 130 -25.73 -2.40 4.52
N SER A 131 -26.11 -3.23 3.57
CA SER A 131 -25.49 -4.55 3.37
C SER A 131 -24.40 -4.57 2.29
N GLU A 132 -24.31 -3.50 1.52
CA GLU A 132 -23.27 -3.37 0.52
C GLU A 132 -22.92 -1.90 0.44
N THR A 133 -21.66 -1.69 0.12
CA THR A 133 -21.16 -0.38 -0.19
C THR A 133 -20.18 -0.59 -1.31
N GLY A 134 -19.21 0.32 -1.44
CA GLY A 134 -18.21 0.16 -2.48
C GLY A 134 -17.40 1.43 -2.55
N PHE A 135 -16.61 1.55 -3.61
CA PHE A 135 -15.82 2.75 -3.81
C PHE A 135 -16.01 3.23 -5.24
N SER A 136 -15.76 4.51 -5.43
CA SER A 136 -15.96 5.11 -6.71
C SER A 136 -14.72 5.91 -7.02
N TYR A 137 -14.12 5.57 -8.16
CA TYR A 137 -13.10 6.43 -8.73
C TYR A 137 -13.81 7.26 -9.76
N HIS A 138 -13.84 8.58 -9.51
CA HIS A 138 -14.64 9.49 -10.32
C HIS A 138 -13.80 10.68 -10.73
N ARG A 139 -14.06 11.18 -11.92
CA ARG A 139 -13.40 12.44 -12.29
C ARG A 139 -13.84 13.49 -11.30
N MET A 140 -12.98 14.49 -11.03
CA MET A 140 -13.41 15.59 -10.20
C MET A 140 -13.91 16.75 -11.06
N ASP A 141 -15.05 17.28 -10.66
CA ASP A 141 -15.47 18.60 -11.11
C ASP A 141 -15.27 19.61 -10.00
N GLU A 142 -15.85 20.80 -10.12
CA GLU A 142 -15.61 21.83 -9.12
C GLU A 142 -16.20 21.53 -7.74
N ASN A 143 -17.15 20.61 -7.68
CA ASN A 143 -17.80 20.24 -6.42
C ASN A 143 -17.22 18.93 -5.87
N PHE A 144 -17.37 18.69 -4.57
CA PHE A 144 -17.05 17.39 -4.00
C PHE A 144 -18.03 16.34 -4.52
N ASP A 145 -17.50 15.17 -4.86
CA ASP A 145 -18.28 13.95 -4.96
C ASP A 145 -19.22 13.86 -6.15
N THR A 146 -19.13 14.78 -7.10
CA THR A 146 -20.16 14.91 -8.14
C THR A 146 -19.74 14.51 -9.55
N GLY A 147 -18.45 14.40 -9.80
CA GLY A 147 -17.98 14.08 -11.14
C GLY A 147 -18.21 12.70 -11.68
N ALA A 148 -17.90 12.53 -12.95
CA ALA A 148 -18.22 11.29 -13.66
C ALA A 148 -17.51 10.07 -13.10
N ILE A 149 -18.23 8.95 -13.08
CA ILE A 149 -17.68 7.74 -12.55
C ILE A 149 -16.78 7.08 -13.59
N LEU A 150 -15.56 6.74 -13.19
CA LEU A 150 -14.69 5.94 -14.01
C LEU A 150 -14.74 4.46 -13.68
N LEU A 151 -14.82 4.17 -12.37
CA LEU A 151 -14.81 2.81 -11.94
C LEU A 151 -15.45 2.73 -10.58
N GLN A 152 -16.32 1.73 -10.42
CA GLN A 152 -16.84 1.39 -9.12
C GLN A 152 -16.63 -0.08 -8.82
N GLU A 153 -16.46 -0.41 -7.56
CA GLU A 153 -16.43 -1.80 -7.17
C GLU A 153 -17.24 -1.89 -5.89
N ARG A 154 -18.03 -2.94 -5.77
CA ARG A 154 -18.90 -3.14 -4.63
C ARG A 154 -18.16 -3.92 -3.55
N ILE A 155 -18.48 -3.61 -2.31
CA ILE A 155 -17.88 -4.25 -1.15
C ILE A 155 -19.03 -4.63 -0.25
N SER A 156 -19.08 -5.90 0.13
CA SER A 156 -20.15 -6.35 1.03
CA SER A 156 -20.12 -6.41 1.04
C SER A 156 -19.84 -5.84 2.42
N VAL A 157 -20.87 -5.37 3.11
CA VAL A 157 -20.70 -4.96 4.50
C VAL A 157 -21.24 -6.10 5.36
N GLU A 158 -20.34 -6.72 6.12
CA GLU A 158 -20.67 -7.89 6.91
C GLU A 158 -21.22 -7.47 8.26
N GLU A 159 -21.91 -8.43 8.88
CA GLU A 159 -22.47 -8.18 10.19
C GLU A 159 -21.43 -7.94 11.27
N THR A 160 -20.19 -8.34 11.04
CA THR A 160 -19.12 -8.05 11.96
C THR A 160 -18.24 -6.87 11.55
N ASP A 161 -18.56 -6.23 10.44
CA ASP A 161 -17.75 -5.10 10.00
C ASP A 161 -17.88 -3.94 10.97
N THR A 162 -16.76 -3.29 11.23
CA THR A 162 -16.78 -2.02 11.95
C THR A 162 -16.37 -0.89 11.03
N ALA A 163 -16.57 0.35 11.47
CA ALA A 163 -16.04 1.48 10.71
C ALA A 163 -14.57 1.21 10.41
N PHE A 164 -13.89 0.61 11.36
CA PHE A 164 -12.46 0.34 11.26
C PHE A 164 -12.14 -0.66 10.17
N SER A 165 -12.79 -1.80 10.21
CA SER A 165 -12.48 -2.80 9.22
C SER A 165 -12.90 -2.32 7.86
N LEU A 166 -14.05 -1.68 7.74
CA LEU A 166 -14.52 -1.26 6.43
C LEU A 166 -13.67 -0.16 5.81
N PHE A 167 -13.23 0.78 6.62
CA PHE A 167 -12.32 1.83 6.17
C PHE A 167 -11.07 1.20 5.57
N HIS A 168 -10.52 0.22 6.25
CA HIS A 168 -9.28 -0.38 5.76
C HIS A 168 -9.50 -1.28 4.56
N ARG A 169 -10.57 -2.04 4.55
CA ARG A 169 -10.86 -2.82 3.36
C ARG A 169 -11.17 -1.96 2.11
N GLN A 170 -11.82 -0.81 2.31
CA GLN A 170 -12.04 0.17 1.28
C GLN A 170 -10.71 0.57 0.67
N ILE A 171 -9.75 0.87 1.52
CA ILE A 171 -8.49 1.31 0.99
C ILE A 171 -7.84 0.17 0.23
N ALA A 172 -7.76 -0.99 0.89
CA ALA A 172 -7.03 -2.11 0.28
C ALA A 172 -7.62 -2.48 -1.06
N ARG A 173 -8.93 -2.66 -1.07
CA ARG A 173 -9.60 -3.07 -2.30
C ARG A 173 -9.46 -2.01 -3.39
N ALA A 174 -9.66 -0.75 -3.02
CA ALA A 174 -9.49 0.34 -3.97
C ALA A 174 -8.10 0.40 -4.55
N MET A 175 -7.08 0.10 -3.75
CA MET A 175 -5.71 0.14 -4.28
C MET A 175 -5.52 -0.88 -5.37
N LEU A 176 -6.24 -1.98 -5.27
CA LEU A 176 -6.10 -3.05 -6.20
C LEU A 176 -6.67 -2.69 -7.57
N ARG A 177 -7.46 -1.61 -7.69
CA ARG A 177 -7.98 -1.19 -8.98
C ARG A 177 -7.31 0.04 -9.54
N LEU A 178 -6.35 0.57 -8.80
CA LEU A 178 -5.80 1.87 -9.11
C LEU A 178 -5.11 1.89 -10.48
N GLU A 179 -4.26 0.89 -10.72
CA GLU A 179 -3.54 0.82 -11.97
C GLU A 179 -4.52 0.89 -13.15
N GLU A 180 -5.58 0.10 -13.10
CA GLU A 180 -6.64 0.19 -14.10
CA GLU A 180 -6.65 0.18 -14.09
C GLU A 180 -7.21 1.59 -14.27
N VAL A 181 -7.46 2.27 -13.17
CA VAL A 181 -8.02 3.59 -13.25
C VAL A 181 -7.09 4.61 -13.89
N ILE A 182 -5.82 4.50 -13.54
CA ILE A 182 -4.83 5.39 -14.10
C ILE A 182 -4.81 5.22 -15.63
N LEU A 183 -4.87 3.98 -16.07
CA LEU A 183 -4.96 3.69 -17.51
C LEU A 183 -6.25 4.21 -18.13
N LYS A 184 -7.38 4.16 -17.43
CA LYS A 184 -8.57 4.86 -17.94
C LYS A 184 -8.31 6.34 -18.15
N LEU A 185 -7.68 6.99 -17.19
CA LEU A 185 -7.39 8.39 -17.28
C LEU A 185 -6.49 8.66 -18.47
N ASP A 186 -5.46 7.83 -18.60
CA ASP A 186 -4.46 7.90 -19.66
C ASP A 186 -5.16 7.88 -21.03
N GLN A 187 -6.18 7.04 -21.14
CA GLN A 187 -6.86 6.74 -22.40
C GLN A 187 -8.02 7.67 -22.67
N GLY A 188 -8.28 8.58 -21.74
CA GLY A 188 -9.34 9.55 -21.88
C GLY A 188 -10.74 8.98 -21.75
N ASP A 189 -10.88 7.90 -21.01
CA ASP A 189 -12.23 7.40 -20.65
C ASP A 189 -13.06 8.54 -20.02
N PRO A 190 -14.20 8.91 -20.65
CA PRO A 190 -14.99 10.00 -20.12
C PRO A 190 -15.75 9.60 -18.87
N GLY A 191 -15.93 8.31 -18.66
CA GLY A 191 -16.66 7.79 -17.51
C GLY A 191 -18.14 8.00 -17.72
N PHE A 192 -18.94 7.88 -16.68
CA PHE A 192 -20.37 8.13 -16.81
C PHE A 192 -20.91 9.02 -15.73
N ALA A 193 -21.86 9.86 -16.13
CA ALA A 193 -22.53 10.76 -15.22
C ALA A 193 -23.16 9.91 -14.12
N GLN A 194 -23.05 10.39 -12.89
CA GLN A 194 -23.58 9.70 -11.73
C GLN A 194 -25.07 9.65 -11.83
N LEU A 195 -25.60 8.47 -11.52
CA LEU A 195 -27.03 8.24 -11.48
C LEU A 195 -27.39 7.46 -10.22
N GLY A 196 -28.52 7.84 -9.65
CA GLY A 196 -29.11 7.11 -8.53
C GLY A 196 -29.51 8.06 -7.45
N GLU A 197 -29.89 7.48 -6.32
CA GLU A 197 -30.29 8.21 -5.13
C GLU A 197 -29.08 8.81 -4.43
N ALA A 198 -28.96 10.13 -4.53
CA ALA A 198 -27.94 10.88 -3.80
C ALA A 198 -28.21 10.84 -2.30
N SER A 199 -27.16 10.74 -1.48
CA SER A 199 -27.24 11.04 -0.07
C SER A 199 -25.94 11.71 0.35
N TYR A 200 -26.02 12.40 1.48
CA TYR A 200 -24.90 13.16 1.98
C TYR A 200 -24.86 13.01 3.49
N TYR A 201 -23.69 12.66 4.01
CA TYR A 201 -23.43 12.68 5.43
C TYR A 201 -22.13 13.40 5.71
N ALA A 202 -22.11 14.09 6.86
CA ALA A 202 -20.94 14.87 7.27
C ALA A 202 -20.34 14.35 8.58
N ARG A 203 -19.01 14.43 8.65
CA ARG A 203 -18.27 14.57 9.90
C ARG A 203 -18.83 13.67 10.98
N GLU A 204 -19.48 14.25 11.98
CA GLU A 204 -19.71 13.49 13.19
C GLU A 204 -20.88 12.56 13.03
N LEU A 205 -20.70 11.40 13.65
CA LEU A 205 -21.77 10.44 13.84
C LEU A 205 -22.73 11.07 14.83
N PRO A 206 -24.01 10.65 14.79
CA PRO A 206 -24.95 11.29 15.70
C PRO A 206 -24.91 10.64 17.05
N PHE A 207 -25.62 11.29 17.96
CA PHE A 207 -25.92 10.81 19.28
C PHE A 207 -24.70 10.97 20.16
N GLY A 208 -23.74 11.78 19.69
CA GLY A 208 -22.47 12.01 20.39
C GLY A 208 -21.96 10.71 20.93
N GLY A 209 -22.01 9.69 20.08
CA GLY A 209 -21.54 8.38 20.46
C GLY A 209 -22.36 7.66 21.50
N VAL A 210 -23.59 8.09 21.73
CA VAL A 210 -24.37 7.58 22.85
C VAL A 210 -25.48 6.63 22.39
N ILE A 211 -25.42 5.42 22.94
CA ILE A 211 -26.37 4.39 22.62
C ILE A 211 -27.68 4.74 23.31
N ASP A 212 -28.74 4.78 22.52
CA ASP A 212 -30.10 4.93 23.04
C ASP A 212 -30.67 3.55 23.33
N PRO A 213 -31.03 3.27 24.59
CA PRO A 213 -31.51 1.92 24.85
C PRO A 213 -32.89 1.64 24.22
N ARG A 214 -33.54 2.63 23.61
CA ARG A 214 -34.77 2.39 22.87
C ARG A 214 -34.48 1.71 21.56
N TRP A 215 -33.25 1.85 21.06
CA TRP A 215 -32.97 1.26 19.79
C TRP A 215 -33.05 -0.26 19.87
N SER A 216 -33.35 -0.85 18.74
CA SER A 216 -33.36 -2.29 18.60
C SER A 216 -31.94 -2.77 18.74
N GLU A 217 -31.80 -4.06 19.01
CA GLU A 217 -30.47 -4.64 19.18
C GLU A 217 -29.73 -4.58 17.86
N VAL A 218 -30.45 -4.63 16.74
CA VAL A 218 -29.82 -4.49 15.44
C VAL A 218 -29.28 -3.09 15.28
N GLN A 219 -30.03 -2.09 15.77
CA GLN A 219 -29.59 -0.71 15.65
C GLN A 219 -28.40 -0.48 16.58
N ILE A 220 -28.48 -1.04 17.76
CA ILE A 220 -27.41 -0.83 18.72
C ILE A 220 -26.11 -1.46 18.21
N ASP A 221 -26.23 -2.66 17.67
CA ASP A 221 -25.06 -3.42 17.19
C ASP A 221 -24.41 -2.63 16.06
N ARG A 222 -25.22 -2.09 15.14
CA ARG A 222 -24.67 -1.29 14.04
C ARG A 222 -23.99 -0.04 14.58
N PHE A 223 -24.58 0.58 15.60
CA PHE A 223 -24.00 1.82 16.09
C PHE A 223 -22.67 1.56 16.75
N ILE A 224 -22.63 0.49 17.55
CA ILE A 224 -21.40 0.07 18.21
C ILE A 224 -20.31 -0.18 17.17
N ARG A 225 -20.66 -0.88 16.11
CA ARG A 225 -19.67 -1.21 15.07
C ARG A 225 -19.24 0.04 14.30
N ALA A 226 -20.16 0.96 14.06
CA ALA A 226 -19.86 2.16 13.32
C ALA A 226 -18.96 3.10 14.12
N MET A 227 -19.11 3.03 15.44
CA MET A 227 -18.35 3.86 16.35
C MET A 227 -16.98 3.28 16.64
N PHE A 228 -16.75 2.04 16.24
CA PHE A 228 -15.48 1.38 16.54
C PHE A 228 -14.39 1.81 15.55
N PHE A 229 -13.42 2.57 16.04
CA PHE A 229 -12.33 3.03 15.17
C PHE A 229 -11.17 3.47 16.03
N PRO A 230 -10.35 2.52 16.46
CA PRO A 230 -9.16 2.85 17.22
C PRO A 230 -8.37 4.01 16.57
N PRO A 231 -7.99 5.03 17.33
CA PRO A 231 -7.91 5.00 18.79
C PRO A 231 -9.00 5.85 19.40
N PHE A 232 -9.96 6.21 18.55
CA PHE A 232 -11.08 7.07 18.94
C PHE A 232 -11.97 6.39 19.99
N PRO A 233 -12.65 7.21 20.80
CA PRO A 233 -13.49 6.50 21.76
C PRO A 233 -14.64 5.77 21.08
N PRO A 234 -15.04 4.64 21.66
CA PRO A 234 -16.14 3.89 21.12
C PRO A 234 -17.50 4.45 21.57
N ALA A 235 -18.56 3.78 21.16
CA ALA A 235 -19.90 4.15 21.60
C ALA A 235 -19.92 4.16 23.12
N VAL A 236 -20.79 4.95 23.70
CA VAL A 236 -20.96 4.92 25.15
C VAL A 236 -22.41 4.57 25.46
N LEU A 237 -22.59 3.82 26.53
CA LEU A 237 -23.91 3.61 27.11
C LEU A 237 -24.09 4.59 28.27
N TYR A 244 -19.52 1.31 30.12
CA TYR A 244 -19.82 2.73 29.92
C TYR A 244 -19.29 3.20 28.53
N TYR A 245 -18.08 2.77 28.22
CA TYR A 245 -17.53 2.75 26.87
C TYR A 245 -17.80 1.35 26.31
N VAL A 246 -18.36 1.26 25.11
CA VAL A 246 -18.91 0.00 24.61
C VAL A 246 -18.32 -0.34 23.23
N PRO A 247 -17.20 -1.06 23.19
CA PRO A 247 -16.56 -1.28 21.88
C PRO A 247 -17.10 -2.47 21.07
N SER A 248 -17.96 -3.30 21.65
CA SER A 248 -18.59 -4.39 20.91
C SER A 248 -19.96 -4.72 21.50
N ILE A 249 -20.80 -5.39 20.70
CA ILE A 249 -22.09 -5.84 21.21
C ILE A 249 -21.87 -6.92 22.25
N ASP A 250 -20.90 -7.81 22.01
CA ASP A 250 -20.48 -8.80 23.00
C ASP A 250 -20.42 -8.16 24.38
N ILE A 251 -19.54 -7.16 24.54
CA ILE A 251 -19.49 -6.35 25.76
C ILE A 251 -20.81 -5.71 26.14
N TYR A 252 -21.55 -5.19 25.16
CA TYR A 252 -22.82 -4.52 25.44
C TYR A 252 -23.84 -5.35 26.25
N ARG A 253 -23.96 -6.65 25.95
CA ARG A 253 -25.08 -7.44 26.48
C ARG A 253 -25.12 -7.67 28.01
N ALA B 4 -13.79 -16.01 4.53
CA ALA B 4 -13.27 -15.17 5.66
C ALA B 4 -12.20 -15.91 6.48
N ILE B 5 -11.30 -15.15 7.07
CA ILE B 5 -10.28 -15.71 7.92
C ILE B 5 -10.97 -16.24 9.17
N ALA B 6 -10.44 -17.32 9.75
CA ALA B 6 -11.01 -17.82 10.99
C ALA B 6 -11.11 -16.67 11.99
N PRO B 7 -12.25 -16.58 12.69
CA PRO B 7 -12.30 -15.60 13.79
C PRO B 7 -11.25 -15.89 14.88
N ASN B 8 -10.84 -14.81 15.54
CA ASN B 8 -9.82 -14.90 16.56
C ASN B 8 -8.47 -15.38 16.04
N THR B 9 -8.27 -15.29 14.73
CA THR B 9 -6.94 -15.59 14.19
C THR B 9 -5.98 -14.51 14.61
N ARG B 10 -4.82 -14.95 15.09
CA ARG B 10 -3.79 -14.06 15.60
C ARG B 10 -2.65 -13.95 14.60
N VAL B 11 -2.40 -12.76 14.10
CA VAL B 11 -1.45 -12.59 12.99
C VAL B 11 -0.31 -11.71 13.41
N LEU B 12 0.89 -12.22 13.22
CA LEU B 12 2.06 -11.41 13.49
C LEU B 12 2.70 -11.06 12.16
N VAL B 13 2.86 -9.76 11.92
CA VAL B 13 3.46 -9.24 10.69
C VAL B 13 4.87 -8.87 11.05
N ALA B 14 5.83 -9.47 10.38
CA ALA B 14 7.21 -9.00 10.48
C ALA B 14 7.46 -8.23 9.23
N GLY B 15 7.74 -6.93 9.34
CA GLY B 15 7.90 -6.22 8.09
C GLY B 15 8.33 -4.80 8.25
N TYR B 16 8.33 -4.13 7.14
CA TYR B 16 8.98 -2.85 7.03
C TYR B 16 8.32 -2.15 5.85
N GLY B 17 8.00 -0.90 6.06
CA GLY B 17 7.62 0.00 5.00
C GLY B 17 6.21 -0.21 4.50
N LEU B 18 5.99 0.25 3.29
CA LEU B 18 4.69 0.19 2.66
C LEU B 18 4.08 -1.21 2.56
N PRO B 19 4.87 -2.20 2.19
CA PRO B 19 4.24 -3.54 2.09
C PRO B 19 3.65 -3.98 3.44
N ALA B 20 4.35 -3.66 4.51
CA ALA B 20 3.90 -4.01 5.84
C ALA B 20 2.69 -3.17 6.21
N GLU B 21 2.73 -1.85 6.00
CA GLU B 21 1.55 -1.01 6.20
C GLU B 21 0.33 -1.56 5.45
N PHE B 22 0.56 -1.93 4.20
CA PHE B 22 -0.53 -2.45 3.40
C PHE B 22 -1.03 -3.77 3.95
N CYS B 23 -0.11 -4.61 4.42
CA CYS B 23 -0.50 -5.89 5.00
C CYS B 23 -1.34 -5.69 6.25
N VAL B 24 -0.92 -4.77 7.10
CA VAL B 24 -1.71 -4.46 8.29
C VAL B 24 -3.11 -3.93 7.92
N THR B 25 -3.17 -3.06 6.92
CA THR B 25 -4.42 -2.54 6.40
C THR B 25 -5.28 -3.68 5.92
N THR B 26 -4.67 -4.62 5.20
CA THR B 26 -5.43 -5.69 4.59
C THR B 26 -6.04 -6.54 5.73
N LEU B 27 -5.23 -6.85 6.72
CA LEU B 27 -5.65 -7.66 7.85
C LEU B 27 -6.79 -7.01 8.59
N ILE B 28 -6.67 -5.70 8.82
CA ILE B 28 -7.75 -4.98 9.50
C ILE B 28 -9.04 -5.09 8.67
N GLY B 29 -8.87 -4.96 7.37
CA GLY B 29 -9.96 -5.04 6.43
C GLY B 29 -10.61 -6.40 6.39
N MET B 30 -9.81 -7.43 6.66
CA MET B 30 -10.30 -8.80 6.74
C MET B 30 -10.97 -9.09 8.08
N GLY B 31 -10.94 -8.12 9.00
CA GLY B 31 -11.68 -8.22 10.25
C GLY B 31 -10.81 -8.79 11.36
N VAL B 32 -9.50 -8.84 11.18
CA VAL B 32 -8.66 -9.26 12.27
C VAL B 32 -8.64 -8.20 13.31
N GLU B 33 -8.93 -8.55 14.57
CA GLU B 33 -8.99 -7.50 15.62
C GLU B 33 -7.60 -6.95 15.96
N ILE B 34 -7.53 -5.69 16.38
CA ILE B 34 -6.23 -5.07 16.67
C ILE B 34 -5.47 -5.83 17.70
N ASP B 35 -6.20 -6.37 18.68
CA ASP B 35 -5.45 -7.06 19.69
C ASP B 35 -4.97 -8.41 19.16
N LYS B 36 -5.37 -8.80 17.95
CA LYS B 36 -4.94 -10.03 17.34
C LYS B 36 -3.96 -9.79 16.18
N ILE B 37 -3.41 -8.59 16.17
CA ILE B 37 -2.33 -8.20 15.25
C ILE B 37 -1.16 -7.74 16.08
N ALA B 38 0.02 -8.23 15.72
CA ALA B 38 1.25 -7.79 16.31
C ALA B 38 2.23 -7.59 15.17
N VAL B 39 3.15 -6.65 15.33
CA VAL B 39 4.13 -6.36 14.27
C VAL B 39 5.52 -6.32 14.86
N ALA B 40 6.44 -6.99 14.17
CA ALA B 40 7.85 -6.87 14.39
C ALA B 40 8.42 -6.08 13.23
N THR B 41 9.12 -5.01 13.55
CA THR B 41 9.67 -4.21 12.49
C THR B 41 11.05 -3.72 12.93
N HIS B 42 11.57 -2.74 12.21
CA HIS B 42 12.88 -2.20 12.52
C HIS B 42 12.73 -0.79 13.03
N ARG B 43 13.84 -0.21 13.46
CA ARG B 43 13.76 1.03 14.21
C ARG B 43 13.38 2.10 13.23
N GLU B 44 12.52 3.00 13.68
CA GLU B 44 11.80 3.90 12.77
C GLU B 44 12.78 4.61 11.85
N ASP B 45 12.39 4.64 10.58
CA ASP B 45 13.29 4.92 9.48
C ASP B 45 12.66 6.03 8.68
N ASN B 46 13.29 6.29 7.54
CA ASN B 46 12.56 6.92 6.47
C ASN B 46 11.54 5.89 5.98
N ARG B 47 12.01 4.78 5.40
CA ARG B 47 11.10 3.84 4.71
C ARG B 47 10.01 3.27 5.65
N ASN B 48 10.19 3.40 6.97
CA ASN B 48 9.29 2.81 7.96
C ASN B 48 8.44 3.76 8.81
N CYS B 49 8.54 5.06 8.55
CA CYS B 49 7.72 6.00 9.28
C CYS B 49 6.22 5.70 9.19
N GLY B 50 5.80 5.35 7.99
CA GLY B 50 4.39 5.02 7.76
C GLY B 50 3.90 3.90 8.67
N LEU B 51 4.62 2.78 8.62
CA LEU B 51 4.25 1.64 9.45
C LEU B 51 4.31 2.03 10.93
N HIS B 52 5.40 2.66 11.33
CA HIS B 52 5.62 2.91 12.73
C HIS B 52 4.51 3.80 13.30
N SER B 53 4.18 4.83 12.55
CA SER B 53 3.16 5.74 13.01
C SER B 53 1.80 5.05 13.06
N MET B 54 1.54 4.17 12.10
CA MET B 54 0.27 3.45 12.07
C MET B 54 0.14 2.63 13.34
N LEU B 55 1.22 1.96 13.73
CA LEU B 55 1.20 1.05 14.87
C LEU B 55 0.95 1.86 16.14
N ARG B 56 1.60 3.01 16.26
CA ARG B 56 1.36 3.84 17.43
C ARG B 56 -0.06 4.38 17.43
N LEU B 57 -0.51 4.84 16.26
CA LEU B 57 -1.78 5.50 16.18
C LEU B 57 -2.89 4.52 16.57
N ARG B 58 -2.83 3.28 16.10
CA ARG B 58 -3.88 2.30 16.34
C ARG B 58 -3.60 1.44 17.57
N ASN B 59 -2.51 1.74 18.25
CA ASN B 59 -2.15 0.94 19.42
CA ASN B 59 -2.01 0.93 19.38
C ASN B 59 -2.00 -0.56 19.06
N ILE B 60 -1.40 -0.86 17.92
CA ILE B 60 -1.07 -2.22 17.59
C ILE B 60 0.25 -2.51 18.25
N GLN B 61 0.35 -3.62 18.98
CA GLN B 61 1.57 -3.92 19.66
C GLN B 61 2.68 -4.22 18.67
N PHE B 62 3.86 -3.75 19.00
CA PHE B 62 5.00 -3.97 18.14
C PHE B 62 6.31 -4.00 18.85
N THR B 63 7.28 -4.58 18.17
CA THR B 63 8.65 -4.60 18.61
C THR B 63 9.56 -4.12 17.50
N THR B 64 10.67 -3.50 17.89
CA THR B 64 11.76 -3.24 16.97
C THR B 64 13.02 -3.99 17.33
N ALA B 65 12.89 -4.96 18.23
CA ALA B 65 14.04 -5.73 18.64
C ALA B 65 14.61 -6.50 17.48
N ALA B 66 15.91 -6.77 17.58
CA ALA B 66 16.57 -7.44 16.52
C ALA B 66 16.01 -8.86 16.36
N ALA B 67 15.94 -9.36 15.13
CA ALA B 67 15.40 -10.68 14.90
C ALA B 67 16.07 -11.79 15.70
N ASN B 68 17.35 -11.64 16.00
CA ASN B 68 18.07 -12.66 16.71
C ASN B 68 18.07 -12.46 18.21
N SER B 69 17.32 -11.49 18.70
CA SER B 69 17.34 -11.14 20.09
C SER B 69 16.32 -11.92 20.91
N GLU B 70 16.60 -11.99 22.20
CA GLU B 70 15.65 -12.62 23.09
C GLU B 70 14.37 -11.84 23.12
N GLU B 71 14.47 -10.50 23.14
CA GLU B 71 13.31 -9.68 23.21
C GLU B 71 12.31 -9.97 22.08
N PHE B 72 12.84 -10.18 20.88
CA PHE B 72 12.04 -10.52 19.69
C PHE B 72 11.30 -11.84 19.91
N TYR B 73 12.03 -12.84 20.36
CA TYR B 73 11.44 -14.12 20.63
C TYR B 73 10.34 -14.01 21.69
N GLU B 74 10.60 -13.31 22.79
CA GLU B 74 9.54 -13.07 23.79
C GLU B 74 8.33 -12.36 23.25
N PHE B 75 8.55 -11.38 22.38
CA PHE B 75 7.46 -10.69 21.79
C PHE B 75 6.55 -11.67 21.02
N GLY B 76 7.18 -12.55 20.25
CA GLY B 76 6.46 -13.58 19.51
C GLY B 76 5.75 -14.52 20.44
N ALA B 77 6.49 -14.97 21.45
CA ALA B 77 5.97 -15.96 22.37
C ALA B 77 4.75 -15.42 23.13
N ASN B 78 4.82 -14.20 23.61
CA ASN B 78 3.71 -13.63 24.38
C ASN B 78 2.52 -13.38 23.53
N PHE B 79 2.76 -13.04 22.27
CA PHE B 79 1.67 -12.89 21.36
C PHE B 79 1.02 -14.18 20.93
N ALA B 80 1.80 -15.23 20.71
CA ALA B 80 1.27 -16.53 20.34
C ALA B 80 0.53 -16.45 18.99
N PRO B 81 1.26 -16.09 17.93
CA PRO B 81 0.61 -15.97 16.61
C PRO B 81 0.10 -17.30 16.10
N ASP B 82 -0.96 -17.26 15.32
CA ASP B 82 -1.36 -18.43 14.54
C ASP B 82 -0.50 -18.47 13.27
N MET B 83 -0.26 -17.28 12.73
CA MET B 83 0.52 -17.16 11.51
C MET B 83 1.42 -15.94 11.56
N ILE B 84 2.51 -16.05 10.79
CA ILE B 84 3.51 -14.99 10.70
C ILE B 84 3.58 -14.59 9.24
N ILE B 85 3.49 -13.29 8.97
CA ILE B 85 3.57 -12.83 7.58
C ILE B 85 4.76 -11.91 7.55
N SER B 86 5.75 -12.26 6.72
CA SER B 86 6.91 -11.39 6.53
C SER B 86 6.74 -10.59 5.25
N MET B 87 6.73 -9.28 5.41
CA MET B 87 6.50 -8.33 4.34
C MET B 87 7.64 -7.33 4.36
N HIS B 88 8.67 -7.69 3.59
CA HIS B 88 9.92 -6.94 3.50
C HIS B 88 10.65 -6.76 4.83
N TYR B 89 10.50 -7.74 5.70
CA TYR B 89 11.26 -7.75 6.94
C TYR B 89 12.71 -7.99 6.52
N ARG B 90 13.65 -7.32 7.14
CA ARG B 90 14.97 -7.37 6.50
C ARG B 90 15.69 -8.69 6.87
N SER B 91 15.50 -9.10 8.10
CA SER B 91 16.38 -10.05 8.71
C SER B 91 15.91 -11.47 8.63
N LEU B 92 16.84 -12.36 8.93
CA LEU B 92 16.55 -13.76 8.92
C LEU B 92 15.75 -13.94 10.20
N ILE B 93 14.63 -14.60 10.07
CA ILE B 93 13.81 -14.86 11.25
C ILE B 93 14.20 -16.22 11.80
N PRO B 94 14.53 -16.28 13.10
CA PRO B 94 14.99 -17.57 13.61
C PRO B 94 13.92 -18.65 13.50
N GLY B 95 14.36 -19.89 13.31
CA GLY B 95 13.48 -21.02 13.20
C GLY B 95 12.58 -21.17 14.43
N ARG B 96 13.15 -20.97 15.62
CA ARG B 96 12.30 -21.05 16.82
C ARG B 96 11.21 -20.03 16.87
N PHE B 97 11.43 -18.85 16.29
CA PHE B 97 10.35 -17.88 16.22
C PHE B 97 9.29 -18.32 15.23
N LEU B 98 9.70 -18.84 14.09
CA LEU B 98 8.75 -19.37 13.12
C LEU B 98 7.88 -20.47 13.71
N LYS B 99 8.48 -21.31 14.51
CA LYS B 99 7.82 -22.46 15.12
C LYS B 99 6.70 -22.00 16.05
N LEU B 100 6.74 -20.77 16.52
CA LEU B 100 5.64 -20.25 17.33
C LEU B 100 4.27 -20.20 16.66
N ALA B 101 4.23 -20.09 15.34
CA ALA B 101 2.99 -20.00 14.58
C ALA B 101 2.59 -21.37 14.06
N LYS B 102 1.54 -21.98 14.62
CA LYS B 102 1.24 -23.38 14.28
C LYS B 102 0.66 -23.45 12.87
N LYS B 103 0.20 -22.33 12.34
CA LYS B 103 -0.19 -22.28 10.93
C LYS B 103 0.96 -21.85 10.02
N GLY B 104 2.11 -21.57 10.62
CA GLY B 104 3.33 -21.31 9.88
C GLY B 104 3.31 -19.89 9.36
N SER B 105 3.93 -19.68 8.20
CA SER B 105 4.30 -18.32 7.83
C SER B 105 4.35 -18.20 6.33
N VAL B 106 4.45 -16.93 5.90
CA VAL B 106 4.62 -16.60 4.51
C VAL B 106 5.50 -15.38 4.44
N ASN B 107 6.31 -15.33 3.38
CA ASN B 107 7.20 -14.22 3.12
C ASN B 107 7.07 -13.87 1.65
N LEU B 108 7.18 -12.58 1.32
CA LEU B 108 7.18 -12.14 -0.07
C LEU B 108 8.60 -11.95 -0.59
N HIS B 109 8.93 -12.71 -1.62
CA HIS B 109 10.20 -12.55 -2.29
C HIS B 109 10.00 -12.14 -3.77
N PRO B 110 10.71 -11.10 -4.21
CA PRO B 110 10.50 -10.56 -5.57
C PRO B 110 11.25 -11.34 -6.64
N SER B 111 11.05 -12.65 -6.68
CA SER B 111 11.50 -13.42 -7.84
C SER B 111 10.63 -14.66 -7.90
N LEU B 112 10.75 -15.37 -9.01
CA LEU B 112 10.10 -16.68 -9.13
C LEU B 112 11.04 -17.72 -8.58
N LEU B 113 10.94 -17.91 -7.27
CA LEU B 113 11.81 -18.84 -6.59
C LEU B 113 11.63 -20.24 -7.14
N PRO B 114 12.69 -21.04 -7.28
CA PRO B 114 13.98 -20.87 -6.67
C PRO B 114 14.99 -20.04 -7.47
N ALA B 115 14.55 -19.42 -8.55
CA ALA B 115 15.38 -18.48 -9.27
C ALA B 115 15.56 -17.26 -8.42
N TYR B 116 16.73 -16.64 -8.51
CA TYR B 116 17.03 -15.41 -7.82
C TYR B 116 16.76 -15.50 -6.31
N ARG B 117 17.27 -16.55 -5.70
CA ARG B 117 17.51 -16.51 -4.27
C ARG B 117 18.56 -15.45 -3.99
N GLY B 118 18.63 -15.01 -2.75
CA GLY B 118 19.49 -13.92 -2.34
C GLY B 118 18.77 -12.60 -2.40
N THR B 119 19.56 -11.55 -2.61
CA THR B 119 19.08 -10.21 -2.60
C THR B 119 19.28 -9.57 -3.96
N ASN B 120 18.79 -8.34 -4.05
CA ASN B 120 18.89 -7.53 -5.26
C ASN B 120 18.31 -8.27 -6.44
N SER B 121 17.25 -9.03 -6.20
CA SER B 121 16.72 -9.87 -7.23
C SER B 121 16.23 -9.05 -8.42
N VAL B 122 15.68 -7.89 -8.12
CA VAL B 122 15.19 -7.04 -9.17
C VAL B 122 16.35 -6.54 -10.05
N ALA B 123 17.44 -6.10 -9.43
CA ALA B 123 18.59 -5.66 -10.21
C ALA B 123 19.14 -6.80 -11.06
N TRP B 124 19.29 -7.97 -10.47
CA TRP B 124 19.87 -9.07 -11.22
C TRP B 124 19.02 -9.54 -12.37
N VAL B 125 17.70 -9.55 -12.19
CA VAL B 125 16.80 -9.96 -13.24
C VAL B 125 17.05 -9.05 -14.46
N ILE B 126 17.23 -7.76 -14.20
CA ILE B 126 17.46 -6.82 -15.28
C ILE B 126 18.87 -7.05 -15.87
N ILE B 127 19.87 -7.13 -15.01
CA ILE B 127 21.24 -7.38 -15.46
C ILE B 127 21.32 -8.59 -16.37
N ASN B 128 20.60 -9.66 -16.00
CA ASN B 128 20.67 -10.88 -16.78
C ASN B 128 19.83 -10.92 -18.03
N GLY B 129 19.07 -9.86 -18.30
CA GLY B 129 18.28 -9.82 -19.52
C GLY B 129 17.02 -10.65 -19.47
N GLU B 130 16.49 -10.87 -18.27
CA GLU B 130 15.24 -11.61 -18.21
C GLU B 130 14.15 -10.78 -18.83
N SER B 131 13.28 -11.44 -19.55
CA SER B 131 12.11 -10.81 -20.05
C SER B 131 10.94 -11.08 -19.13
N GLU B 132 11.08 -12.04 -18.22
CA GLU B 132 10.03 -12.36 -17.26
C GLU B 132 10.63 -12.54 -15.88
N THR B 133 9.92 -12.03 -14.88
CA THR B 133 10.26 -12.36 -13.51
C THR B 133 8.95 -12.57 -12.79
N GLY B 134 8.92 -12.38 -11.51
CA GLY B 134 7.65 -12.52 -10.80
C GLY B 134 7.91 -12.39 -9.32
N PHE B 135 6.90 -12.74 -8.54
CA PHE B 135 7.08 -12.78 -7.10
C PHE B 135 6.54 -14.07 -6.55
N SER B 136 7.03 -14.40 -5.36
CA SER B 136 6.77 -15.65 -4.70
C SER B 136 6.43 -15.31 -3.27
N TYR B 137 5.17 -15.61 -2.93
CA TYR B 137 4.81 -15.76 -1.52
C TYR B 137 5.09 -17.21 -1.14
N HIS B 138 5.98 -17.36 -0.17
CA HIS B 138 6.45 -18.65 0.20
C HIS B 138 6.50 -18.80 1.71
N ARG B 139 6.23 -20.02 2.16
CA ARG B 139 6.42 -20.36 3.56
C ARG B 139 7.88 -20.17 3.87
N MET B 140 8.15 -19.74 5.09
CA MET B 140 9.52 -19.58 5.57
C MET B 140 9.98 -20.83 6.29
N ASP B 141 11.13 -21.36 5.89
CA ASP B 141 11.82 -22.34 6.68
C ASP B 141 13.02 -21.61 7.32
N GLU B 142 14.01 -22.32 7.86
CA GLU B 142 15.04 -21.65 8.67
C GLU B 142 16.05 -20.88 7.83
N ASN B 143 16.05 -21.12 6.53
CA ASN B 143 16.95 -20.38 5.63
C ASN B 143 16.13 -19.39 4.83
N PHE B 144 16.84 -18.43 4.26
CA PHE B 144 16.25 -17.53 3.29
C PHE B 144 15.79 -18.25 2.03
N ASP B 145 14.62 -17.88 1.53
CA ASP B 145 14.22 -18.08 0.13
C ASP B 145 13.92 -19.53 -0.27
N THR B 146 13.74 -20.40 0.71
CA THR B 146 13.75 -21.85 0.49
C THR B 146 12.43 -22.56 0.65
N GLY B 147 11.54 -21.95 1.41
CA GLY B 147 10.32 -22.63 1.78
C GLY B 147 9.29 -22.78 0.70
N ALA B 148 8.27 -23.56 1.03
CA ALA B 148 7.28 -23.92 0.01
C ALA B 148 6.50 -22.73 -0.55
N ILE B 149 6.16 -22.82 -1.83
CA ILE B 149 5.51 -21.74 -2.55
C ILE B 149 4.04 -21.81 -2.20
N LEU B 150 3.46 -20.70 -1.76
CA LEU B 150 2.02 -20.61 -1.63
C LEU B 150 1.42 -19.96 -2.87
N LEU B 151 2.08 -18.94 -3.41
CA LEU B 151 1.55 -18.26 -4.59
C LEU B 151 2.71 -17.64 -5.33
N GLN B 152 2.75 -17.84 -6.63
CA GLN B 152 3.62 -17.07 -7.50
C GLN B 152 2.84 -16.41 -8.61
N GLU B 153 3.37 -15.30 -9.09
CA GLU B 153 2.76 -14.61 -10.22
C GLU B 153 3.87 -14.03 -11.06
N ARG B 154 3.69 -14.07 -12.37
CA ARG B 154 4.69 -13.59 -13.32
C ARG B 154 4.54 -12.10 -13.56
N ILE B 155 5.67 -11.44 -13.77
CA ILE B 155 5.69 -10.02 -14.05
C ILE B 155 6.63 -9.89 -15.26
N SER B 156 6.14 -9.29 -16.35
CA SER B 156 7.00 -9.03 -17.51
CA SER B 156 6.99 -9.03 -17.52
C SER B 156 8.01 -7.96 -17.19
N VAL B 157 9.23 -8.13 -17.69
CA VAL B 157 10.29 -7.16 -17.53
C VAL B 157 10.40 -6.44 -18.86
N GLU B 158 10.21 -5.13 -18.85
CA GLU B 158 10.22 -4.35 -20.09
C GLU B 158 11.64 -3.81 -20.31
N GLU B 159 11.94 -3.48 -21.56
CA GLU B 159 13.28 -3.02 -21.85
C GLU B 159 13.52 -1.61 -21.31
N THR B 160 12.47 -0.95 -20.88
CA THR B 160 12.59 0.35 -20.23
C THR B 160 12.55 0.27 -18.70
N ASP B 161 12.38 -0.92 -18.13
CA ASP B 161 12.37 -1.07 -16.68
C ASP B 161 13.72 -0.76 -16.10
N THR B 162 13.72 -0.18 -14.91
CA THR B 162 14.86 -0.03 -14.09
C THR B 162 14.63 -0.84 -12.87
N ALA B 163 15.68 -0.97 -12.07
CA ALA B 163 15.51 -1.59 -10.77
C ALA B 163 14.40 -0.84 -10.04
N PHE B 164 14.40 0.48 -10.15
CA PHE B 164 13.39 1.31 -9.48
C PHE B 164 11.97 0.96 -9.87
N SER B 165 11.72 0.96 -11.17
CA SER B 165 10.37 0.74 -11.67
C SER B 165 9.95 -0.71 -11.37
N LEU B 166 10.86 -1.66 -11.57
CA LEU B 166 10.46 -3.06 -11.36
C LEU B 166 10.23 -3.36 -9.89
N PHE B 167 11.00 -2.71 -9.03
CA PHE B 167 10.90 -2.94 -7.59
C PHE B 167 9.54 -2.48 -7.13
N HIS B 168 9.12 -1.34 -7.63
CA HIS B 168 7.82 -0.80 -7.22
C HIS B 168 6.67 -1.54 -7.84
N ARG B 169 6.82 -2.01 -9.08
CA ARG B 169 5.77 -2.82 -9.70
C ARG B 169 5.63 -4.15 -8.95
N GLN B 170 6.77 -4.71 -8.56
CA GLN B 170 6.80 -5.95 -7.79
C GLN B 170 5.92 -5.79 -6.52
N ILE B 171 6.15 -4.69 -5.82
CA ILE B 171 5.41 -4.47 -4.58
C ILE B 171 3.93 -4.34 -4.91
N ALA B 172 3.65 -3.45 -5.84
CA ALA B 172 2.27 -3.17 -6.17
C ALA B 172 1.51 -4.43 -6.60
N ARG B 173 2.07 -5.17 -7.53
CA ARG B 173 1.42 -6.37 -8.04
C ARG B 173 1.30 -7.40 -6.93
N ALA B 174 2.31 -7.51 -6.08
CA ALA B 174 2.24 -8.53 -5.02
C ALA B 174 1.11 -8.23 -4.05
N MET B 175 0.91 -6.97 -3.79
CA MET B 175 -0.18 -6.56 -2.89
C MET B 175 -1.55 -7.03 -3.36
N LEU B 176 -1.78 -7.05 -4.68
CA LEU B 176 -3.02 -7.62 -5.26
C LEU B 176 -3.33 -8.99 -4.73
N ARG B 177 -2.31 -9.79 -4.41
CA ARG B 177 -2.51 -11.19 -4.14
C ARG B 177 -2.48 -11.45 -2.65
N LEU B 178 -2.24 -10.42 -1.85
CA LEU B 178 -1.95 -10.63 -0.48
C LEU B 178 -3.12 -11.30 0.24
N GLU B 179 -4.32 -10.77 0.06
CA GLU B 179 -5.48 -11.32 0.73
C GLU B 179 -5.62 -12.81 0.43
N GLU B 180 -5.50 -13.17 -0.84
CA GLU B 180 -5.59 -14.60 -1.20
CA GLU B 180 -5.54 -14.58 -1.27
C GLU B 180 -4.55 -15.42 -0.49
N VAL B 181 -3.33 -14.90 -0.36
CA VAL B 181 -2.28 -15.58 0.38
C VAL B 181 -2.55 -15.77 1.89
N ILE B 182 -3.07 -14.74 2.52
CA ILE B 182 -3.43 -14.84 3.91
C ILE B 182 -4.46 -15.95 4.08
N LEU B 183 -5.43 -15.99 3.16
CA LEU B 183 -6.44 -17.07 3.17
C LEU B 183 -5.84 -18.43 2.99
N LYS B 184 -4.88 -18.57 2.08
CA LYS B 184 -4.20 -19.85 1.95
C LYS B 184 -3.55 -20.25 3.26
N LEU B 185 -2.90 -19.31 3.96
CA LEU B 185 -2.34 -19.62 5.26
C LEU B 185 -3.36 -20.03 6.27
N ASP B 186 -4.45 -19.27 6.29
CA ASP B 186 -5.58 -19.50 7.17
C ASP B 186 -6.07 -20.93 7.01
N GLN B 187 -6.15 -21.35 5.76
CA GLN B 187 -6.76 -22.64 5.41
C GLN B 187 -5.77 -23.80 5.40
N GLY B 188 -4.50 -23.55 5.72
CA GLY B 188 -3.51 -24.63 5.85
C GLY B 188 -3.01 -25.21 4.55
N ASP B 189 -3.07 -24.39 3.51
CA ASP B 189 -2.51 -24.78 2.22
C ASP B 189 -1.05 -25.09 2.41
N PRO B 190 -0.66 -26.34 2.20
CA PRO B 190 0.73 -26.67 2.38
C PRO B 190 1.64 -25.94 1.39
N GLY B 191 1.12 -25.61 0.21
CA GLY B 191 1.94 -25.04 -0.83
C GLY B 191 2.75 -26.13 -1.49
N PHE B 192 3.68 -25.76 -2.35
CA PHE B 192 4.45 -26.79 -3.05
C PHE B 192 5.92 -26.50 -2.92
N ALA B 193 6.68 -27.59 -2.82
CA ALA B 193 8.12 -27.48 -2.66
C ALA B 193 8.65 -26.79 -3.90
N GLN B 194 9.62 -25.88 -3.72
CA GLN B 194 10.08 -25.09 -4.85
C GLN B 194 10.69 -26.01 -5.88
N LEU B 195 10.52 -25.69 -7.17
CA LEU B 195 10.94 -26.59 -8.26
C LEU B 195 11.83 -25.92 -9.31
N GLY B 196 12.74 -26.71 -9.87
CA GLY B 196 13.65 -26.20 -10.86
C GLY B 196 14.96 -25.89 -10.19
N GLU B 197 15.87 -25.28 -10.93
CA GLU B 197 17.19 -25.01 -10.40
C GLU B 197 17.24 -23.64 -9.70
N ALA B 198 17.84 -23.62 -8.52
CA ALA B 198 18.02 -22.37 -7.77
C ALA B 198 19.22 -21.57 -8.28
N SER B 199 19.03 -20.27 -8.47
CA SER B 199 20.14 -19.34 -8.73
C SER B 199 20.28 -18.40 -7.54
N TYR B 200 21.50 -17.91 -7.38
CA TYR B 200 21.87 -17.22 -6.16
C TYR B 200 22.67 -15.96 -6.43
N TYR B 201 22.36 -14.88 -5.72
CA TYR B 201 23.08 -13.63 -5.87
C TYR B 201 23.40 -12.98 -4.55
N ALA B 202 24.59 -12.39 -4.50
CA ALA B 202 25.22 -11.99 -3.25
C ALA B 202 24.60 -10.74 -2.70
N ARG B 203 24.79 -10.53 -1.41
CA ARG B 203 24.18 -9.39 -0.74
C ARG B 203 24.68 -8.11 -1.40
N GLU B 204 25.96 -8.10 -1.73
CA GLU B 204 26.61 -6.93 -2.33
C GLU B 204 25.84 -6.39 -3.51
N LEU B 205 25.97 -5.09 -3.71
CA LEU B 205 25.58 -4.43 -4.95
C LEU B 205 26.21 -5.12 -6.16
N PRO B 206 25.41 -5.35 -7.21
CA PRO B 206 26.00 -6.07 -8.33
C PRO B 206 27.22 -5.36 -8.91
N PHE B 207 28.32 -6.09 -9.00
CA PHE B 207 29.58 -5.57 -9.55
C PHE B 207 30.11 -4.32 -8.86
N GLY B 208 29.71 -4.17 -7.59
CA GLY B 208 29.95 -2.96 -6.82
C GLY B 208 29.46 -1.70 -7.50
N GLY B 209 28.44 -1.82 -8.35
CA GLY B 209 27.92 -0.68 -9.08
C GLY B 209 28.81 -0.20 -10.20
N VAL B 210 29.83 -0.98 -10.55
CA VAL B 210 30.80 -0.49 -11.53
C VAL B 210 30.66 -1.26 -12.85
N ILE B 211 30.58 -0.47 -13.89
CA ILE B 211 30.50 -0.98 -15.23
C ILE B 211 31.85 -1.61 -15.59
N ASP B 212 31.79 -2.84 -16.07
CA ASP B 212 32.95 -3.49 -16.70
C ASP B 212 33.03 -3.05 -18.13
N PRO B 213 34.18 -2.53 -18.56
CA PRO B 213 34.26 -1.99 -19.93
C PRO B 213 34.24 -3.05 -21.02
N ARG B 214 34.55 -4.28 -20.63
CA ARG B 214 34.50 -5.44 -21.50
C ARG B 214 33.10 -5.93 -21.77
N TRP B 215 32.11 -5.42 -21.04
CA TRP B 215 30.74 -5.78 -21.34
C TRP B 215 30.32 -5.28 -22.70
N SER B 216 29.37 -5.98 -23.31
CA SER B 216 28.67 -5.52 -24.48
C SER B 216 27.78 -4.35 -24.14
N GLU B 217 27.39 -3.65 -25.19
CA GLU B 217 26.51 -2.50 -25.02
C GLU B 217 25.17 -2.90 -24.39
N VAL B 218 24.64 -4.04 -24.81
CA VAL B 218 23.37 -4.55 -24.27
C VAL B 218 23.55 -4.84 -22.79
N GLN B 219 24.70 -5.39 -22.41
CA GLN B 219 24.94 -5.64 -20.99
C GLN B 219 25.16 -4.35 -20.20
N ILE B 220 25.86 -3.39 -20.79
CA ILE B 220 25.98 -2.09 -20.12
C ILE B 220 24.60 -1.40 -19.93
N ASP B 221 23.77 -1.43 -20.95
CA ASP B 221 22.44 -0.82 -20.90
C ASP B 221 21.60 -1.44 -19.77
N ARG B 222 21.55 -2.77 -19.77
CA ARG B 222 20.92 -3.51 -18.69
C ARG B 222 21.46 -3.11 -17.32
N PHE B 223 22.77 -3.03 -17.16
CA PHE B 223 23.37 -2.72 -15.88
C PHE B 223 23.00 -1.32 -15.41
N ILE B 224 23.11 -0.34 -16.31
CA ILE B 224 22.68 1.02 -16.00
C ILE B 224 21.23 1.05 -15.48
N ARG B 225 20.33 0.38 -16.19
CA ARG B 225 18.95 0.22 -15.70
C ARG B 225 18.83 -0.47 -14.36
N ALA B 226 19.62 -1.51 -14.15
CA ALA B 226 19.62 -2.28 -12.92
C ALA B 226 20.12 -1.45 -11.77
N MET B 227 21.02 -0.51 -12.06
CA MET B 227 21.59 0.35 -11.04
C MET B 227 20.77 1.58 -10.69
N PHE B 228 19.79 1.92 -11.51
CA PHE B 228 18.98 3.08 -11.25
C PHE B 228 17.94 2.85 -10.16
N PHE B 229 18.13 3.57 -9.06
CA PHE B 229 17.32 3.44 -7.87
C PHE B 229 17.52 4.67 -6.98
N PRO B 230 16.83 5.76 -7.34
CA PRO B 230 16.84 6.95 -6.53
C PRO B 230 16.53 6.62 -5.05
N PRO B 231 17.26 7.20 -4.12
CA PRO B 231 18.24 8.25 -4.38
C PRO B 231 19.66 7.75 -4.54
N PHE B 232 19.86 6.44 -4.56
CA PHE B 232 21.23 5.90 -4.58
C PHE B 232 22.03 6.25 -5.84
N PRO B 233 23.36 6.18 -5.73
CA PRO B 233 24.17 6.51 -6.89
C PRO B 233 23.84 5.58 -8.09
N PRO B 234 23.90 6.11 -9.29
CA PRO B 234 23.78 5.26 -10.45
C PRO B 234 25.02 4.42 -10.70
N ALA B 235 25.00 3.66 -11.78
CA ALA B 235 26.16 2.91 -12.21
C ALA B 235 27.34 3.86 -12.36
N VAL B 236 28.53 3.35 -12.04
CA VAL B 236 29.76 4.11 -12.16
C VAL B 236 30.48 3.57 -13.40
N LEU B 237 31.00 4.50 -14.19
CA LEU B 237 32.04 4.22 -15.22
C LEU B 237 33.37 4.84 -14.80
N LYS B 238 34.42 4.02 -14.72
CA LYS B 238 35.75 4.55 -14.45
C LYS B 238 36.44 4.88 -15.77
N ILE B 239 36.98 6.08 -15.88
CA ILE B 239 37.74 6.49 -17.07
C ILE B 239 39.00 7.24 -16.65
N ASP B 240 40.15 6.82 -17.19
CA ASP B 240 41.47 7.39 -16.85
C ASP B 240 41.61 7.53 -15.35
N GLY B 241 41.35 6.42 -14.65
CA GLY B 241 41.51 6.30 -13.21
C GLY B 241 40.50 7.08 -12.38
N LYS B 242 39.42 7.54 -13.01
CA LYS B 242 38.48 8.48 -12.37
C LYS B 242 37.05 7.93 -12.44
N VAL B 243 36.26 8.17 -11.38
CA VAL B 243 34.83 7.80 -11.31
C VAL B 243 33.91 8.79 -12.04
N TYR B 244 33.01 8.28 -12.87
CA TYR B 244 31.86 9.05 -13.38
C TYR B 244 30.58 8.28 -13.11
N TYR B 245 29.57 8.98 -12.64
CA TYR B 245 28.25 8.44 -12.44
C TYR B 245 27.64 8.55 -13.83
N VAL B 246 26.97 7.49 -14.30
CA VAL B 246 26.27 7.53 -15.58
C VAL B 246 25.05 8.44 -15.49
N PRO B 247 24.64 9.05 -16.63
CA PRO B 247 23.37 9.77 -16.59
C PRO B 247 22.13 8.85 -16.49
N SER B 248 22.28 7.53 -16.61
CA SER B 248 21.11 6.62 -16.88
C SER B 248 20.05 7.05 -17.94
O12 B62 C . -14.76 15.64 -6.14
C1 B62 C . -13.87 16.56 -5.76
N2 B62 C . -13.80 17.70 -6.48
C6 B62 C . -13.02 16.27 -4.73
N7 B62 C . -13.11 15.13 -3.98
C8 B62 C . -12.01 14.78 -3.14
C11 B62 C . -12.49 13.94 -2.04
C9 B62 C . -11.04 15.85 -2.66
N10 B62 C . -11.26 17.08 -3.39
C5 B62 C . -12.11 17.23 -4.40
N4 B62 C . -12.06 18.40 -5.08
C3 B62 C . -12.89 18.63 -6.11
N13 B62 C . -12.79 19.80 -6.75
C1 EDO D . -25.81 -4.84 8.39
O1 EDO D . -26.21 -5.09 9.74
C2 EDO D . -24.29 -4.88 8.26
O2 EDO D . -23.62 -3.88 9.08
CL CL E . -22.35 3.12 -0.89
N9 GMP F . -13.79 7.88 12.93
C8 GMP F . -13.27 9.07 12.55
N7 GMP F . -13.30 9.95 13.60
C5 GMP F . -13.85 9.33 14.68
C6 GMP F . -14.20 9.67 16.10
O6 GMP F . -13.95 10.80 16.61
N1 GMP F . -14.79 8.72 16.87
C2 GMP F . -15.07 7.49 16.39
N2 GMP F . -15.65 6.59 17.22
N3 GMP F . -14.79 7.11 15.11
C4 GMP F . -14.20 7.96 14.22
O12 B62 G . 12.75 -17.31 3.91
C1 B62 G . 13.03 -16.73 5.08
N2 B62 G . 13.25 -17.51 6.14
C6 B62 G . 13.02 -15.36 5.22
N7 B62 G . 12.86 -14.58 4.13
C8 B62 G . 12.57 -13.19 4.37
C11 B62 G . 12.91 -12.34 3.23
C9 B62 G . 12.94 -12.55 5.69
N10 B62 G . 13.40 -13.51 6.66
C5 B62 G . 13.30 -14.81 6.45
N4 B62 G . 13.56 -15.59 7.49
C3 B62 G . 13.55 -16.93 7.30
N13 B62 G . 13.79 -17.72 8.34
O5' GMP H . 23.54 -8.53 5.56
C5' GMP H . 22.62 -9.48 5.04
C4' GMP H . 21.15 -9.02 4.94
O4' GMP H . 20.71 -8.98 3.56
C3' GMP H . 20.13 -9.94 5.65
O3' GMP H . 19.61 -9.45 6.90
C2' GMP H . 18.96 -10.02 4.70
O2' GMP H . 18.09 -8.90 4.90
C1' GMP H . 19.63 -9.90 3.36
N9 GMP H . 20.10 -11.22 2.86
C8 GMP H . 21.34 -11.79 2.92
N7 GMP H . 21.36 -12.99 2.30
C5 GMP H . 20.11 -13.21 1.83
C6 GMP H . 19.42 -14.25 1.06
O6 GMP H . 19.99 -15.30 0.70
N1 GMP H . 18.12 -14.06 0.80
C2 GMP H . 17.44 -12.96 1.18
N2 GMP H . 16.12 -12.82 0.88
N3 GMP H . 17.98 -11.95 1.87
C4 GMP H . 19.28 -12.05 2.22
N9 GMP I . 19.21 -0.76 -4.45
C8 GMP I . 19.28 -0.97 -3.13
N7 GMP I . 20.40 -0.42 -2.60
C5 GMP I . 21.10 0.17 -3.60
C6 GMP I . 22.38 0.94 -3.76
O6 GMP I . 23.13 1.18 -2.79
N1 GMP I . 22.74 1.38 -4.99
C2 GMP I . 21.95 1.13 -6.07
N2 GMP I . 22.32 1.58 -7.28
N3 GMP I . 20.78 0.43 -5.99
C4 GMP I . 20.30 -0.07 -4.81
#